data_5HHA
#
_entry.id   5HHA
#
_cell.length_a   56.978
_cell.length_b   78.924
_cell.length_c   58.205
_cell.angle_alpha   90.00
_cell.angle_beta   93.89
_cell.angle_gamma   90.00
#
_symmetry.space_group_name_H-M   'P 1 21 1'
#
loop_
_entity.id
_entity.type
_entity.pdbx_description
1 polymer PvdO
2 non-polymer 'CALCIUM ION'
3 water water
#
_entity_poly.entity_id   1
_entity_poly.type   'polypeptide(L)'
_entity_poly.pdbx_seq_one_letter_code
;MGSSHHHHHHSQDLEVLFQGPGSDEAKKPGTVFKDCKDCPEMVVLPAGSFTMGTPDDEVGRQPDEGPLHDVTFAKPFAIS
RYQVTAGELDAYLKATGVKLADGDTRPGRECIAGKPRYQQGPRQPAVCVDYNDVKNYAAWLSKKTGKRYRMLSEAEREYG
ARAGSAGPFPFPFDEGKEYSIAKHANTYGASDGYNFTSPVGSFPPNAFGVYDMHGNVYEWVADCWHDHYNGAPSDGSAWM
EEKCELVQIRGNDWGEPPIFSRSGNRNNAAPSDRGDWIGFRVAREL
;
_entity_poly.pdbx_strand_id   A,B
#
loop_
_chem_comp.id
_chem_comp.type
_chem_comp.name
_chem_comp.formula
CA non-polymer 'CALCIUM ION' 'Ca 2'
#
# COMPACT_ATOMS: atom_id res chain seq x y z
N ALA A 26 -41.26 -6.09 14.85
CA ALA A 26 -39.98 -5.92 14.19
C ALA A 26 -38.87 -6.65 14.96
N LYS A 27 -37.84 -7.08 14.23
CA LYS A 27 -36.74 -7.83 14.83
C LYS A 27 -35.80 -6.88 15.56
N LYS A 28 -35.38 -7.27 16.75
CA LYS A 28 -34.51 -6.41 17.56
C LYS A 28 -33.08 -6.45 17.05
N PRO A 29 -32.34 -5.36 17.25
CA PRO A 29 -30.93 -5.38 16.81
C PRO A 29 -30.16 -6.56 17.44
N GLY A 30 -29.30 -7.18 16.65
CA GLY A 30 -28.56 -8.35 17.09
C GLY A 30 -29.26 -9.65 16.75
N THR A 31 -30.54 -9.57 16.38
CA THR A 31 -31.25 -10.79 15.97
C THR A 31 -30.62 -11.40 14.72
N VAL A 32 -30.40 -12.70 14.74
CA VAL A 32 -29.86 -13.42 13.61
C VAL A 32 -30.97 -14.27 13.01
N PHE A 33 -31.12 -14.22 11.70
CA PHE A 33 -32.17 -14.98 11.03
C PHE A 33 -31.73 -15.38 9.64
N LYS A 34 -32.40 -16.37 9.07
CA LYS A 34 -32.17 -16.76 7.68
C LYS A 34 -33.53 -16.85 7.00
N ASP A 35 -33.64 -16.40 5.76
CA ASP A 35 -34.88 -16.51 5.02
C ASP A 35 -35.06 -17.86 4.32
N CYS A 36 -34.02 -18.68 4.29
CA CYS A 36 -34.12 -19.99 3.68
C CYS A 36 -32.89 -20.79 4.07
N LYS A 37 -32.89 -22.09 3.82
CA LYS A 37 -31.81 -22.94 4.34
C LYS A 37 -30.46 -22.59 3.72
N ASP A 38 -30.50 -22.24 2.44
CA ASP A 38 -29.32 -21.93 1.63
C ASP A 38 -28.96 -20.46 1.69
N CYS A 39 -29.78 -19.67 2.37
CA CYS A 39 -29.64 -18.22 2.39
C CYS A 39 -28.64 -17.78 3.44
N PRO A 40 -27.97 -16.63 3.21
CA PRO A 40 -27.00 -16.19 4.21
C PRO A 40 -27.63 -15.85 5.55
N GLU A 41 -26.91 -16.11 6.64
CA GLU A 41 -27.35 -15.70 7.95
C GLU A 41 -27.26 -14.18 8.10
N MET A 42 -28.38 -13.56 8.40
CA MET A 42 -28.48 -12.12 8.49
C MET A 42 -28.54 -11.67 9.95
N VAL A 43 -27.97 -10.51 10.24
CA VAL A 43 -28.06 -9.93 11.57
C VAL A 43 -28.62 -8.51 11.45
N VAL A 44 -29.54 -8.17 12.34
CA VAL A 44 -30.14 -6.85 12.35
C VAL A 44 -29.19 -5.84 12.99
N LEU A 45 -28.88 -4.79 12.24
CA LEU A 45 -28.14 -3.65 12.75
C LEU A 45 -29.10 -2.56 13.19
N PRO A 46 -28.76 -1.85 14.27
CA PRO A 46 -29.64 -0.82 14.81
C PRO A 46 -29.64 0.42 13.96
N ALA A 47 -30.75 1.16 13.99
CA ALA A 47 -30.76 2.52 13.53
C ALA A 47 -29.84 3.34 14.41
N GLY A 48 -29.36 4.47 13.90
CA GLY A 48 -28.48 5.35 14.65
C GLY A 48 -27.53 6.07 13.73
N SER A 49 -26.68 6.90 14.31
CA SER A 49 -25.66 7.62 13.57
C SER A 49 -24.30 7.16 14.01
N PHE A 50 -23.32 7.39 13.15
CA PHE A 50 -21.94 7.14 13.52
C PHE A 50 -21.01 8.09 12.77
N THR A 51 -19.78 8.22 13.24
CA THR A 51 -18.80 9.02 12.56
C THR A 51 -18.00 8.13 11.60
N MET A 52 -18.02 8.49 10.34
CA MET A 52 -17.35 7.76 9.29
C MET A 52 -16.06 8.46 8.89
N GLY A 53 -15.02 7.67 8.65
CA GLY A 53 -13.71 8.18 8.31
C GLY A 53 -12.74 7.91 9.43
N THR A 54 -11.57 8.55 9.34
CA THR A 54 -10.46 8.26 10.24
CA THR A 54 -10.56 8.30 10.36
C THR A 54 -9.82 9.55 10.77
N PRO A 55 -9.55 9.63 12.07
CA PRO A 55 -8.82 10.79 12.58
C PRO A 55 -7.44 10.95 11.95
N ASP A 56 -6.97 12.19 11.77
CA ASP A 56 -5.71 12.49 11.10
C ASP A 56 -4.53 11.72 11.63
N ASP A 57 -4.51 11.48 12.93
CA ASP A 57 -3.33 10.90 13.56
C ASP A 57 -3.41 9.40 13.82
N GLU A 58 -4.44 8.73 13.31
CA GLU A 58 -4.54 7.28 13.45
C GLU A 58 -3.42 6.62 12.67
N VAL A 59 -2.76 5.67 13.32
CA VAL A 59 -1.67 4.94 12.68
C VAL A 59 -2.18 4.27 11.38
N GLY A 60 -1.50 4.49 10.28
CA GLY A 60 -1.88 3.88 9.03
C GLY A 60 -2.88 4.64 8.19
N ARG A 61 -3.44 5.75 8.68
CA ARG A 61 -4.51 6.41 7.97
C ARG A 61 -4.07 6.89 6.60
N GLN A 62 -4.91 6.67 5.60
CA GLN A 62 -4.65 7.11 4.25
CA GLN A 62 -4.66 7.08 4.22
C GLN A 62 -5.45 8.36 3.92
N PRO A 63 -4.98 9.14 2.93
CA PRO A 63 -5.57 10.47 2.71
C PRO A 63 -7.01 10.53 2.30
N ASP A 64 -7.55 9.45 1.71
CA ASP A 64 -8.94 9.46 1.29
C ASP A 64 -9.93 9.16 2.41
N GLU A 65 -9.47 9.05 3.65
CA GLU A 65 -10.33 8.68 4.78
C GLU A 65 -10.91 9.88 5.51
N GLY A 66 -10.92 11.03 4.85
CA GLY A 66 -11.51 12.22 5.43
C GLY A 66 -12.27 13.00 4.39
N PRO A 67 -13.04 13.98 4.86
CA PRO A 67 -13.17 14.34 6.28
C PRO A 67 -14.02 13.36 7.08
N LEU A 68 -13.75 13.29 8.36
CA LEU A 68 -14.65 12.67 9.30
C LEU A 68 -16.01 13.30 9.10
N HIS A 69 -17.06 12.50 9.08
CA HIS A 69 -18.40 13.05 8.83
C HIS A 69 -19.40 12.06 9.39
N ASP A 70 -20.50 12.56 9.96
CA ASP A 70 -21.44 11.70 10.63
C ASP A 70 -22.52 11.26 9.65
N VAL A 71 -22.84 9.98 9.70
CA VAL A 71 -23.82 9.36 8.81
C VAL A 71 -24.93 8.76 9.66
N THR A 72 -26.15 8.92 9.16
CA THR A 72 -27.35 8.51 9.88
C THR A 72 -28.12 7.42 9.16
N PHE A 73 -28.45 6.37 9.90
CA PHE A 73 -29.31 5.29 9.43
C PHE A 73 -30.64 5.44 10.17
N ALA A 74 -31.65 5.92 9.46
CA ALA A 74 -32.95 6.21 10.11
C ALA A 74 -33.67 4.93 10.56
N LYS A 75 -33.40 3.82 9.88
CA LYS A 75 -34.11 2.58 10.12
C LYS A 75 -33.14 1.42 10.32
N PRO A 76 -33.48 0.50 11.20
CA PRO A 76 -32.67 -0.72 11.27
C PRO A 76 -32.70 -1.47 9.93
N PHE A 77 -31.64 -2.23 9.67
CA PHE A 77 -31.51 -2.99 8.42
C PHE A 77 -30.62 -4.17 8.73
N ALA A 78 -30.67 -5.20 7.90
CA ALA A 78 -29.87 -6.40 8.13
C ALA A 78 -28.71 -6.48 7.15
N ILE A 79 -27.61 -7.07 7.61
CA ILE A 79 -26.51 -7.46 6.73
C ILE A 79 -26.16 -8.88 7.02
N SER A 80 -25.48 -9.53 6.09
CA SER A 80 -25.01 -10.88 6.35
C SER A 80 -23.92 -10.82 7.41
N ARG A 81 -24.09 -11.61 8.47
CA ARG A 81 -23.13 -11.54 9.57
C ARG A 81 -21.75 -12.04 9.17
N TYR A 82 -21.75 -12.90 8.14
CA TYR A 82 -20.53 -13.36 7.49
C TYR A 82 -20.49 -12.82 6.07
N GLN A 83 -19.32 -12.83 5.46
CA GLN A 83 -19.23 -12.81 4.03
C GLN A 83 -20.05 -13.97 3.46
N VAL A 84 -20.66 -13.75 2.30
CA VAL A 84 -21.40 -14.83 1.66
C VAL A 84 -20.44 -15.97 1.37
N THR A 85 -20.85 -17.19 1.64
CA THR A 85 -19.91 -18.31 1.57
C THR A 85 -19.87 -18.96 0.20
N ALA A 86 -18.82 -19.73 -0.02
CA ALA A 86 -18.70 -20.50 -1.24
C ALA A 86 -19.89 -21.43 -1.45
N GLY A 87 -20.36 -22.07 -0.39
CA GLY A 87 -21.50 -22.96 -0.51
C GLY A 87 -22.76 -22.20 -0.82
N GLU A 88 -22.89 -21.00 -0.27
CA GLU A 88 -24.07 -20.18 -0.55
C GLU A 88 -24.07 -19.74 -2.00
N LEU A 89 -22.90 -19.34 -2.51
CA LEU A 89 -22.81 -18.98 -3.91
C LEU A 89 -23.08 -20.20 -4.80
N ASP A 90 -22.58 -21.35 -4.40
CA ASP A 90 -22.77 -22.55 -5.19
C ASP A 90 -24.26 -22.89 -5.30
N ALA A 91 -25.03 -22.62 -4.26
CA ALA A 91 -26.47 -22.87 -4.31
C ALA A 91 -27.14 -22.01 -5.39
N TYR A 92 -26.73 -20.76 -5.48
CA TYR A 92 -27.21 -19.89 -6.53
C TYR A 92 -26.79 -20.38 -7.93
N LEU A 93 -25.55 -20.81 -8.07
CA LEU A 93 -25.07 -21.26 -9.37
C LEU A 93 -25.87 -22.48 -9.81
N LYS A 94 -26.18 -23.36 -8.88
CA LYS A 94 -26.92 -24.57 -9.22
CA LYS A 94 -26.93 -24.57 -9.20
C LYS A 94 -28.36 -24.24 -9.56
N ALA A 95 -28.99 -23.34 -8.81
CA ALA A 95 -30.38 -23.04 -9.05
C ALA A 95 -30.61 -22.34 -10.38
N THR A 96 -29.67 -21.50 -10.77
CA THR A 96 -29.85 -20.66 -11.95
C THR A 96 -29.14 -21.19 -13.19
N GLY A 97 -28.14 -22.01 -12.98
CA GLY A 97 -27.31 -22.46 -14.10
C GLY A 97 -26.25 -21.47 -14.57
N VAL A 98 -26.13 -20.35 -13.89
CA VAL A 98 -25.14 -19.34 -14.25
C VAL A 98 -23.72 -19.86 -14.16
N LYS A 99 -22.89 -19.43 -15.11
CA LYS A 99 -21.44 -19.66 -15.05
C LYS A 99 -20.76 -18.29 -14.93
N LEU A 100 -19.93 -18.18 -13.90
CA LEU A 100 -19.17 -16.99 -13.65
C LEU A 100 -18.00 -16.92 -14.61
N ALA A 101 -17.71 -15.73 -15.09
CA ALA A 101 -16.59 -15.51 -15.98
C ALA A 101 -15.26 -15.75 -15.26
N ASP A 102 -14.25 -16.20 -16.01
CA ASP A 102 -12.91 -16.34 -15.46
C ASP A 102 -12.27 -14.99 -15.31
N GLY A 103 -11.28 -14.89 -14.43
CA GLY A 103 -10.69 -13.62 -14.11
C GLY A 103 -9.42 -13.20 -14.79
N ASP A 104 -8.73 -12.30 -14.11
CA ASP A 104 -7.59 -11.56 -14.67
C ASP A 104 -6.31 -12.36 -14.64
N THR A 105 -5.43 -12.07 -15.60
CA THR A 105 -4.14 -12.71 -15.69
C THR A 105 -3.25 -12.32 -14.50
N ARG A 106 -2.57 -13.31 -13.94
CA ARG A 106 -1.76 -13.14 -12.74
C ARG A 106 -1.50 -14.54 -12.25
N PRO A 107 -0.38 -15.14 -12.70
CA PRO A 107 -0.04 -16.54 -12.45
C PRO A 107 -0.19 -16.95 -10.99
N GLY A 108 -0.95 -18.01 -10.74
CA GLY A 108 -1.11 -18.53 -9.41
C GLY A 108 -2.30 -17.92 -8.67
N ARG A 109 -2.95 -16.92 -9.27
CA ARG A 109 -4.06 -16.21 -8.61
CA ARG A 109 -4.06 -16.23 -8.60
C ARG A 109 -5.32 -16.27 -9.45
N GLU A 110 -5.38 -17.19 -10.39
CA GLU A 110 -6.51 -17.24 -11.34
C GLU A 110 -7.85 -17.56 -10.67
N CYS A 111 -8.91 -16.97 -11.22
CA CYS A 111 -10.29 -17.26 -10.89
C CYS A 111 -10.89 -18.01 -12.06
N ILE A 112 -11.38 -19.21 -11.82
CA ILE A 112 -11.96 -20.02 -12.89
C ILE A 112 -13.37 -20.40 -12.47
N ALA A 113 -14.33 -19.77 -13.14
CA ALA A 113 -15.74 -20.05 -12.93
C ALA A 113 -16.13 -19.93 -11.45
N GLY A 114 -15.57 -18.96 -10.77
CA GLY A 114 -15.89 -18.70 -9.39
C GLY A 114 -14.95 -19.32 -8.38
N LYS A 115 -14.05 -20.19 -8.84
CA LYS A 115 -13.17 -20.89 -7.92
CA LYS A 115 -13.16 -20.89 -7.93
C LYS A 115 -11.76 -20.32 -7.94
N PRO A 116 -11.22 -20.07 -6.74
CA PRO A 116 -9.83 -19.65 -6.63
C PRO A 116 -8.89 -20.85 -6.78
N ARG A 117 -7.58 -20.63 -6.75
CA ARG A 117 -6.64 -21.73 -6.89
CA ARG A 117 -6.62 -21.72 -6.90
C ARG A 117 -6.36 -22.41 -5.57
N TYR A 118 -6.55 -21.73 -4.46
CA TYR A 118 -6.32 -22.29 -3.15
C TYR A 118 -7.49 -23.15 -2.71
N GLN A 119 -7.23 -24.03 -1.76
CA GLN A 119 -8.28 -24.88 -1.24
C GLN A 119 -9.38 -24.03 -0.60
N GLN A 120 -10.62 -24.33 -0.97
CA GLN A 120 -11.77 -23.51 -0.58
C GLN A 120 -12.95 -24.40 -0.26
N GLY A 121 -13.16 -24.64 1.02
CA GLY A 121 -14.33 -25.37 1.47
C GLY A 121 -15.59 -24.52 1.45
N PRO A 122 -16.73 -25.11 1.74
CA PRO A 122 -18.07 -24.50 1.61
CA PRO A 122 -18.01 -24.43 1.54
C PRO A 122 -18.31 -23.31 2.52
N ARG A 123 -17.58 -23.24 3.64
CA ARG A 123 -17.76 -22.13 4.56
C ARG A 123 -16.69 -21.07 4.42
N GLN A 124 -15.73 -21.23 3.54
CA GLN A 124 -14.84 -20.11 3.25
C GLN A 124 -15.64 -19.10 2.40
N PRO A 125 -15.19 -17.83 2.37
CA PRO A 125 -15.95 -16.83 1.60
C PRO A 125 -15.98 -17.13 0.11
N ALA A 126 -17.13 -16.85 -0.50
CA ALA A 126 -17.21 -16.77 -1.95
C ALA A 126 -16.26 -15.69 -2.45
N VAL A 127 -15.57 -15.98 -3.54
CA VAL A 127 -14.68 -15.02 -4.18
C VAL A 127 -14.82 -15.20 -5.70
N CYS A 128 -14.00 -14.49 -6.47
CA CYS A 128 -13.94 -14.69 -7.92
C CYS A 128 -15.25 -14.30 -8.57
N VAL A 129 -15.88 -13.28 -7.97
CA VAL A 129 -17.11 -12.66 -8.46
C VAL A 129 -16.87 -11.16 -8.72
N ASP A 130 -17.47 -10.64 -9.79
CA ASP A 130 -17.39 -9.21 -10.03
C ASP A 130 -18.60 -8.50 -9.43
N TYR A 131 -18.63 -7.19 -9.62
CA TYR A 131 -19.66 -6.35 -9.01
C TYR A 131 -21.07 -6.75 -9.48
N ASN A 132 -21.21 -6.93 -10.79
CA ASN A 132 -22.50 -7.34 -11.35
CA ASN A 132 -22.50 -7.35 -11.34
C ASN A 132 -22.93 -8.73 -10.88
N ASP A 133 -21.97 -9.63 -10.69
CA ASP A 133 -22.30 -10.94 -10.20
C ASP A 133 -22.98 -10.84 -8.83
N VAL A 134 -22.46 -9.95 -7.98
CA VAL A 134 -23.06 -9.72 -6.67
C VAL A 134 -24.47 -9.19 -6.81
N LYS A 135 -24.67 -8.22 -7.71
CA LYS A 135 -26.01 -7.72 -7.94
C LYS A 135 -26.93 -8.84 -8.41
N ASN A 136 -26.43 -9.71 -9.29
CA ASN A 136 -27.25 -10.84 -9.76
C ASN A 136 -27.62 -11.80 -8.67
N TYR A 137 -26.68 -12.10 -7.77
CA TYR A 137 -26.93 -12.97 -6.64
C TYR A 137 -28.03 -12.34 -5.77
N ALA A 138 -27.91 -11.05 -5.49
CA ALA A 138 -28.90 -10.38 -4.64
C ALA A 138 -30.28 -10.36 -5.30
N ALA A 139 -30.33 -10.22 -6.62
CA ALA A 139 -31.61 -10.29 -7.35
C ALA A 139 -32.24 -11.68 -7.26
N TRP A 140 -31.41 -12.71 -7.39
CA TRP A 140 -31.90 -14.06 -7.24
C TRP A 140 -32.44 -14.31 -5.82
N LEU A 141 -31.69 -13.88 -4.80
CA LEU A 141 -32.14 -14.02 -3.41
C LEU A 141 -33.45 -13.28 -3.17
N SER A 142 -33.56 -12.12 -3.75
CA SER A 142 -34.77 -11.31 -3.57
C SER A 142 -35.96 -12.04 -4.18
N LYS A 143 -35.79 -12.59 -5.38
CA LYS A 143 -36.91 -13.24 -6.05
C LYS A 143 -37.32 -14.49 -5.30
N LYS A 144 -36.35 -15.26 -4.83
CA LYS A 144 -36.62 -16.51 -4.15
CA LYS A 144 -36.66 -16.52 -4.17
C LYS A 144 -37.37 -16.29 -2.84
N THR A 145 -36.92 -15.28 -2.08
CA THR A 145 -37.45 -15.04 -0.73
C THR A 145 -38.61 -14.04 -0.66
N GLY A 146 -38.79 -13.23 -1.69
CA GLY A 146 -39.77 -12.16 -1.65
C GLY A 146 -39.35 -11.01 -0.77
N LYS A 147 -38.07 -10.98 -0.42
CA LYS A 147 -37.52 -9.90 0.39
C LYS A 147 -36.61 -9.06 -0.48
N ARG A 148 -36.20 -7.91 0.05
CA ARG A 148 -35.38 -6.96 -0.71
CA ARG A 148 -35.39 -6.96 -0.71
C ARG A 148 -33.91 -7.06 -0.31
N TYR A 149 -33.17 -7.89 -1.05
CA TYR A 149 -31.72 -8.01 -0.87
C TYR A 149 -30.98 -7.11 -1.85
N ARG A 150 -29.79 -6.67 -1.46
CA ARG A 150 -29.02 -5.73 -2.25
C ARG A 150 -27.58 -5.70 -1.74
N MET A 151 -26.71 -5.00 -2.46
CA MET A 151 -25.37 -4.69 -1.95
C MET A 151 -25.44 -3.79 -0.72
N LEU A 152 -24.43 -3.87 0.14
CA LEU A 152 -24.19 -2.85 1.15
C LEU A 152 -23.69 -1.57 0.50
N SER A 153 -24.01 -0.44 1.11
CA SER A 153 -23.31 0.79 0.83
C SER A 153 -22.01 0.84 1.64
N GLU A 154 -21.10 1.70 1.21
CA GLU A 154 -19.83 1.85 1.91
C GLU A 154 -20.06 2.28 3.35
N ALA A 155 -21.01 3.20 3.54
CA ALA A 155 -21.32 3.66 4.89
C ALA A 155 -21.86 2.53 5.77
N GLU A 156 -22.75 1.71 5.22
CA GLU A 156 -23.28 0.56 5.96
C GLU A 156 -22.16 -0.39 6.36
N ARG A 157 -21.22 -0.58 5.45
CA ARG A 157 -20.12 -1.49 5.72
C ARG A 157 -19.23 -0.96 6.86
N GLU A 158 -18.87 0.32 6.80
CA GLU A 158 -18.04 0.85 7.90
C GLU A 158 -18.81 0.84 9.22
N TYR A 159 -20.11 1.15 9.17
CA TYR A 159 -20.96 1.14 10.36
C TYR A 159 -20.93 -0.24 11.00
N GLY A 160 -21.10 -1.26 10.17
CA GLY A 160 -21.15 -2.64 10.61
C GLY A 160 -19.82 -3.17 11.09
N ALA A 161 -18.73 -2.68 10.52
CA ALA A 161 -17.39 -3.03 10.96
C ALA A 161 -17.11 -2.44 12.33
N ARG A 162 -17.47 -1.17 12.52
CA ARG A 162 -17.11 -0.49 13.76
C ARG A 162 -17.93 -0.95 14.95
N ALA A 163 -19.23 -1.19 14.75
CA ALA A 163 -20.12 -1.60 15.84
C ALA A 163 -19.99 -0.67 17.06
N GLY A 164 -19.93 0.63 16.79
CA GLY A 164 -19.88 1.63 17.85
C GLY A 164 -18.48 2.12 18.19
N SER A 165 -17.45 1.53 17.63
CA SER A 165 -16.08 1.87 18.01
CA SER A 165 -16.07 1.86 18.01
C SER A 165 -15.54 3.00 17.15
N ALA A 166 -14.72 3.85 17.75
CA ALA A 166 -14.17 5.03 17.08
C ALA A 166 -12.75 4.86 16.57
N GLY A 167 -12.04 3.91 17.14
CA GLY A 167 -10.65 3.64 16.77
C GLY A 167 -10.57 2.73 15.58
N PRO A 168 -9.35 2.29 15.25
CA PRO A 168 -9.16 1.46 14.08
C PRO A 168 -9.83 0.08 14.18
N PHE A 169 -9.95 -0.46 15.39
CA PHE A 169 -10.51 -1.79 15.57
C PHE A 169 -11.48 -1.85 16.75
N PRO A 170 -12.53 -2.67 16.63
CA PRO A 170 -13.47 -2.83 17.74
C PRO A 170 -13.00 -3.83 18.80
N PHE A 171 -11.81 -4.39 18.65
CA PHE A 171 -11.25 -5.38 19.54
C PHE A 171 -9.86 -4.91 19.91
N PRO A 172 -9.32 -5.45 21.01
CA PRO A 172 -7.96 -5.10 21.40
C PRO A 172 -6.91 -5.78 20.54
N PHE A 173 -5.71 -5.21 20.49
CA PHE A 173 -4.57 -5.87 19.88
C PHE A 173 -4.21 -7.14 20.65
N ASP A 174 -3.61 -8.09 19.95
CA ASP A 174 -3.15 -9.29 20.61
C ASP A 174 -2.13 -8.92 21.66
N GLU A 175 -2.15 -9.58 22.81
CA GLU A 175 -1.10 -9.39 23.79
CA GLU A 175 -1.11 -9.42 23.80
C GLU A 175 0.22 -9.91 23.24
N GLY A 176 1.30 -9.24 23.57
CA GLY A 176 2.63 -9.76 23.29
C GLY A 176 3.30 -9.29 22.01
N LYS A 177 2.58 -8.48 21.22
CA LYS A 177 3.15 -7.86 20.02
C LYS A 177 2.62 -6.45 19.93
N GLU A 178 3.25 -5.64 19.10
CA GLU A 178 2.88 -4.24 18.99
C GLU A 178 1.55 -4.04 18.24
N TYR A 179 1.38 -4.72 17.10
CA TYR A 179 0.24 -4.46 16.21
C TYR A 179 -0.12 -5.75 15.50
N SER A 180 -0.70 -6.68 16.25
CA SER A 180 -1.13 -7.97 15.74
C SER A 180 -2.59 -8.12 16.07
N ILE A 181 -3.36 -8.60 15.10
CA ILE A 181 -4.80 -8.81 15.28
C ILE A 181 -5.16 -10.26 14.96
N ALA A 182 -4.18 -11.14 15.05
CA ALA A 182 -4.37 -12.55 14.71
C ALA A 182 -5.38 -13.30 15.57
N LYS A 183 -5.74 -12.79 16.74
CA LYS A 183 -6.84 -13.37 17.51
C LYS A 183 -8.22 -12.94 17.03
N HIS A 184 -8.28 -11.91 16.17
CA HIS A 184 -9.55 -11.37 15.71
C HIS A 184 -9.75 -11.32 14.21
N ALA A 185 -8.72 -11.54 13.41
CA ALA A 185 -8.87 -11.41 11.98
C ALA A 185 -7.84 -12.18 11.21
N ASN A 186 -8.21 -12.59 10.02
CA ASN A 186 -7.32 -13.30 9.11
C ASN A 186 -6.65 -12.37 8.11
N THR A 187 -5.37 -12.13 8.30
CA THR A 187 -4.59 -11.25 7.42
C THR A 187 -3.34 -11.99 7.00
N TYR A 188 -2.40 -11.32 6.36
CA TYR A 188 -1.24 -11.99 5.77
C TYR A 188 -0.55 -12.95 6.73
N GLY A 189 -0.27 -14.14 6.23
CA GLY A 189 0.56 -15.09 6.95
C GLY A 189 -0.20 -15.99 7.89
N ALA A 190 0.56 -16.90 8.49
CA ALA A 190 0.00 -18.02 9.21
C ALA A 190 -0.20 -17.78 10.70
N SER A 191 0.13 -16.60 11.24
CA SER A 191 0.03 -16.41 12.68
C SER A 191 -1.40 -16.52 13.19
N ASP A 192 -2.37 -16.30 12.30
CA ASP A 192 -3.80 -16.44 12.62
C ASP A 192 -4.39 -17.82 12.31
N GLY A 193 -3.55 -18.75 11.85
CA GLY A 193 -3.99 -20.09 11.53
C GLY A 193 -4.20 -20.40 10.06
N TYR A 194 -4.19 -19.41 9.18
CA TYR A 194 -4.62 -19.62 7.78
C TYR A 194 -3.71 -18.91 6.81
N ASN A 195 -3.25 -19.58 5.78
CA ASN A 195 -2.51 -18.92 4.72
C ASN A 195 -3.42 -18.19 3.75
N PHE A 196 -4.52 -18.83 3.37
CA PHE A 196 -5.51 -18.21 2.51
C PHE A 196 -6.72 -17.85 3.35
N THR A 197 -7.94 -17.91 2.81
CA THR A 197 -9.12 -17.55 3.61
C THR A 197 -9.40 -18.61 4.67
N SER A 198 -10.19 -18.23 5.66
CA SER A 198 -10.64 -19.06 6.75
C SER A 198 -12.14 -19.24 6.63
N PRO A 199 -12.67 -20.33 7.20
CA PRO A 199 -14.13 -20.44 7.24
C PRO A 199 -14.70 -19.21 7.91
N VAL A 200 -15.85 -18.77 7.44
CA VAL A 200 -16.44 -17.56 8.02
C VAL A 200 -16.70 -17.80 9.51
N GLY A 201 -16.44 -16.78 10.32
CA GLY A 201 -16.70 -16.88 11.74
C GLY A 201 -15.63 -17.62 12.54
N SER A 202 -14.39 -17.65 12.07
CA SER A 202 -13.30 -18.34 12.77
C SER A 202 -12.69 -17.49 13.88
N PHE A 203 -13.18 -16.25 14.04
CA PHE A 203 -12.68 -15.33 15.07
C PHE A 203 -13.92 -14.72 15.74
N PRO A 204 -13.75 -14.01 16.86
CA PRO A 204 -14.93 -13.50 17.56
C PRO A 204 -15.65 -12.43 16.79
N PRO A 205 -16.94 -12.27 17.06
CA PRO A 205 -17.71 -11.21 16.40
C PRO A 205 -17.50 -9.89 17.09
N ASN A 206 -17.89 -8.81 16.44
CA ASN A 206 -17.92 -7.51 17.09
C ASN A 206 -19.25 -7.33 17.84
N ALA A 207 -19.45 -6.15 18.40
CA ALA A 207 -20.60 -5.90 19.30
C ALA A 207 -21.93 -5.91 18.57
N PHE A 208 -21.90 -5.82 17.26
CA PHE A 208 -23.12 -5.90 16.45
C PHE A 208 -23.41 -7.35 16.06
N GLY A 209 -22.58 -8.28 16.46
CA GLY A 209 -22.78 -9.66 16.04
C GLY A 209 -22.26 -9.97 14.64
N VAL A 210 -21.35 -9.13 14.14
CA VAL A 210 -20.84 -9.29 12.78
C VAL A 210 -19.43 -9.89 12.84
N TYR A 211 -19.10 -10.78 11.91
CA TYR A 211 -17.81 -11.48 11.86
C TYR A 211 -17.02 -11.08 10.61
N ASP A 212 -15.70 -11.14 10.73
CA ASP A 212 -14.75 -11.00 9.63
C ASP A 212 -14.75 -9.62 8.98
N MET A 213 -15.16 -8.59 9.69
CA MET A 213 -15.13 -7.26 9.12
C MET A 213 -13.70 -6.72 8.99
N HIS A 214 -12.72 -7.37 9.60
CA HIS A 214 -11.34 -6.87 9.61
C HIS A 214 -10.33 -7.79 8.97
N GLY A 215 -10.82 -8.77 8.21
CA GLY A 215 -9.91 -9.60 7.44
C GLY A 215 -10.66 -10.56 6.54
N ASN A 216 -9.95 -11.59 6.12
CA ASN A 216 -10.45 -12.69 5.29
C ASN A 216 -10.48 -12.28 3.81
N VAL A 217 -11.46 -11.46 3.40
CA VAL A 217 -11.50 -10.94 2.04
C VAL A 217 -11.97 -9.50 2.05
N TYR A 218 -11.52 -8.76 1.05
CA TYR A 218 -12.23 -7.51 0.69
C TYR A 218 -13.65 -7.84 0.26
N GLU A 219 -14.50 -6.81 0.22
CA GLU A 219 -15.90 -6.97 -0.12
C GLU A 219 -16.34 -5.88 -1.06
N TRP A 220 -17.09 -6.25 -2.09
CA TRP A 220 -17.77 -5.27 -2.90
C TRP A 220 -18.79 -4.49 -2.06
N VAL A 221 -18.87 -3.18 -2.31
CA VAL A 221 -20.01 -2.36 -1.89
C VAL A 221 -20.50 -1.59 -3.12
N ALA A 222 -21.64 -0.93 -3.01
CA ALA A 222 -22.30 -0.40 -4.20
C ALA A 222 -21.61 0.85 -4.74
N ASP A 223 -21.03 1.66 -3.86
CA ASP A 223 -20.64 3.03 -4.17
C ASP A 223 -19.63 3.12 -5.29
N CYS A 224 -19.79 4.16 -6.10
CA CYS A 224 -18.73 4.56 -7.01
C CYS A 224 -17.58 5.17 -6.24
N TRP A 225 -16.40 5.13 -6.83
CA TRP A 225 -15.20 5.59 -6.15
C TRP A 225 -15.12 7.11 -6.03
N HIS A 226 -14.70 7.57 -4.86
CA HIS A 226 -14.33 8.97 -4.64
C HIS A 226 -13.10 8.96 -3.76
N ASP A 227 -12.25 9.94 -4.00
CA ASP A 227 -10.93 10.03 -3.38
C ASP A 227 -10.93 10.78 -2.02
N HIS A 228 -12.09 10.87 -1.38
CA HIS A 228 -12.30 11.71 -0.22
C HIS A 228 -13.76 11.55 0.17
N TYR A 229 -14.19 12.27 1.18
CA TYR A 229 -15.59 12.29 1.59
C TYR A 229 -16.28 13.68 1.44
N ASN A 230 -15.67 14.57 0.66
CA ASN A 230 -16.29 15.86 0.39
C ASN A 230 -17.53 15.69 -0.47
N GLY A 231 -18.69 15.99 0.12
CA GLY A 231 -19.95 15.80 -0.58
C GLY A 231 -20.55 14.42 -0.40
N ALA A 232 -19.99 13.61 0.51
CA ALA A 232 -20.47 12.25 0.72
C ALA A 232 -21.90 12.26 1.25
N PRO A 233 -22.69 11.24 0.91
CA PRO A 233 -24.04 11.20 1.47
C PRO A 233 -24.04 10.92 2.97
N SER A 234 -25.04 11.45 3.66
CA SER A 234 -25.13 11.41 5.11
C SER A 234 -26.26 10.55 5.65
N ASP A 235 -26.98 9.86 4.74
CA ASP A 235 -28.19 9.13 5.10
C ASP A 235 -28.04 7.62 4.97
N GLY A 236 -26.80 7.14 4.82
CA GLY A 236 -26.51 5.70 4.68
C GLY A 236 -26.62 5.18 3.26
N SER A 237 -27.05 6.00 2.33
CA SER A 237 -27.13 5.60 0.94
C SER A 237 -25.74 5.44 0.35
N ALA A 238 -25.71 4.77 -0.79
CA ALA A 238 -24.51 4.63 -1.61
C ALA A 238 -24.24 5.89 -2.40
N TRP A 239 -22.98 6.27 -2.54
CA TRP A 239 -22.55 7.45 -3.26
C TRP A 239 -22.30 7.06 -4.69
N MET A 240 -23.32 7.27 -5.52
CA MET A 240 -23.29 6.86 -6.91
C MET A 240 -22.97 8.00 -7.86
N GLU A 241 -22.45 7.63 -9.01
CA GLU A 241 -22.24 8.57 -10.10
C GLU A 241 -22.88 7.89 -11.31
N GLU A 242 -23.29 8.71 -12.28
CA GLU A 242 -23.98 8.20 -13.45
C GLU A 242 -23.10 7.16 -14.13
N LYS A 243 -21.82 7.51 -14.29
CA LYS A 243 -20.85 6.63 -14.93
C LYS A 243 -19.66 6.47 -13.98
N CYS A 244 -19.22 5.23 -13.78
CA CYS A 244 -18.13 4.92 -12.86
C CYS A 244 -17.15 3.91 -13.39
N GLU A 245 -15.90 4.32 -13.53
CA GLU A 245 -14.85 3.42 -13.94
C GLU A 245 -14.39 2.55 -12.77
N LEU A 246 -14.58 3.07 -11.55
CA LEU A 246 -14.12 2.40 -10.33
C LEU A 246 -15.22 2.45 -9.30
N VAL A 247 -15.34 1.36 -8.53
CA VAL A 247 -16.23 1.31 -7.40
C VAL A 247 -15.45 0.99 -6.14
N GLN A 248 -16.05 1.22 -4.98
CA GLN A 248 -15.40 0.97 -3.71
C GLN A 248 -15.45 -0.50 -3.33
N ILE A 249 -14.42 -0.95 -2.62
CA ILE A 249 -14.40 -2.23 -1.93
C ILE A 249 -13.95 -1.95 -0.49
N ARG A 250 -14.33 -2.81 0.43
CA ARG A 250 -14.06 -2.59 1.85
C ARG A 250 -13.50 -3.83 2.52
N GLY A 251 -12.92 -3.62 3.69
CA GLY A 251 -12.31 -4.69 4.46
C GLY A 251 -10.86 -4.88 4.07
N ASN A 252 -10.38 -6.11 4.24
CA ASN A 252 -8.99 -6.42 3.92
C ASN A 252 -8.90 -7.93 3.71
N ASP A 253 -7.97 -8.37 2.88
CA ASP A 253 -7.89 -9.79 2.56
C ASP A 253 -6.73 -10.52 3.22
N TRP A 254 -6.84 -11.84 3.10
CA TRP A 254 -5.90 -12.81 3.60
C TRP A 254 -4.45 -12.55 3.22
N GLY A 255 -4.19 -11.88 2.11
CA GLY A 255 -2.82 -11.66 1.68
C GLY A 255 -2.22 -10.33 2.11
N GLU A 256 -2.95 -9.53 2.87
CA GLU A 256 -2.56 -8.16 3.15
C GLU A 256 -2.21 -7.95 4.60
N PRO A 257 -1.37 -6.95 4.88
CA PRO A 257 -0.99 -6.68 6.27
C PRO A 257 -2.11 -6.00 7.06
N PRO A 258 -2.11 -6.12 8.39
CA PRO A 258 -3.24 -5.65 9.21
C PRO A 258 -3.36 -4.13 9.30
N ILE A 259 -2.36 -3.38 8.85
CA ILE A 259 -2.47 -1.94 8.80
C ILE A 259 -3.63 -1.52 7.87
N PHE A 260 -4.02 -2.40 6.95
CA PHE A 260 -5.15 -2.11 6.07
C PHE A 260 -6.46 -2.73 6.55
N SER A 261 -6.46 -3.33 7.74
CA SER A 261 -7.65 -3.93 8.32
C SER A 261 -8.46 -2.96 9.15
N ARG A 262 -7.96 -1.74 9.32
CA ARG A 262 -8.62 -0.74 10.14
C ARG A 262 -10.03 -0.47 9.59
N SER A 263 -10.96 -0.15 10.47
CA SER A 263 -12.36 0.02 10.07
C SER A 263 -12.57 1.06 8.99
N GLY A 264 -11.73 2.10 8.95
CA GLY A 264 -11.87 3.16 7.99
C GLY A 264 -11.09 3.03 6.69
N ASN A 265 -10.33 1.96 6.54
CA ASN A 265 -9.56 1.75 5.31
C ASN A 265 -10.47 1.68 4.10
N ARG A 266 -10.05 2.30 3.00
CA ARG A 266 -10.85 2.32 1.77
C ARG A 266 -10.01 1.74 0.64
N ASN A 267 -10.66 1.19 -0.38
CA ASN A 267 -9.98 0.77 -1.59
C ASN A 267 -11.01 0.73 -2.70
N ASN A 268 -10.57 0.39 -3.91
CA ASN A 268 -11.43 0.44 -5.08
C ASN A 268 -10.99 -0.60 -6.10
N ALA A 269 -11.88 -0.91 -7.01
CA ALA A 269 -11.59 -1.84 -8.10
C ALA A 269 -12.49 -1.44 -9.27
N ALA A 270 -12.12 -1.82 -10.48
CA ALA A 270 -13.07 -1.69 -11.58
C ALA A 270 -14.18 -2.71 -11.36
N PRO A 271 -15.42 -2.35 -11.64
CA PRO A 271 -16.51 -3.31 -11.33
C PRO A 271 -16.45 -4.62 -12.11
N SER A 272 -15.71 -4.65 -13.22
CA SER A 272 -15.56 -5.89 -13.99
C SER A 272 -14.39 -6.72 -13.46
N ASP A 273 -13.61 -6.21 -12.49
CA ASP A 273 -12.54 -6.99 -11.87
C ASP A 273 -13.14 -8.12 -11.03
N ARG A 274 -12.34 -9.15 -10.79
CA ARG A 274 -12.66 -10.16 -9.80
C ARG A 274 -11.34 -10.69 -9.28
N GLY A 275 -11.39 -11.35 -8.14
CA GLY A 275 -10.18 -11.94 -7.60
C GLY A 275 -10.48 -12.90 -6.49
N ASP A 276 -9.47 -13.67 -6.13
CA ASP A 276 -9.56 -14.65 -5.06
C ASP A 276 -9.47 -14.01 -3.66
N TRP A 277 -9.52 -12.66 -3.67
CA TRP A 277 -9.37 -11.84 -2.49
C TRP A 277 -10.55 -10.86 -2.33
N ILE A 278 -11.53 -10.89 -3.23
CA ILE A 278 -12.73 -10.06 -3.12
C ILE A 278 -13.96 -10.94 -3.07
N GLY A 279 -14.69 -10.84 -1.97
CA GLY A 279 -15.99 -11.48 -1.80
C GLY A 279 -17.05 -10.39 -1.58
N PHE A 280 -18.04 -10.67 -0.73
CA PHE A 280 -19.14 -9.72 -0.58
C PHE A 280 -20.05 -10.11 0.54
N ARG A 281 -20.74 -9.12 1.09
CA ARG A 281 -21.91 -9.33 1.93
C ARG A 281 -23.14 -8.88 1.14
N VAL A 282 -24.32 -9.25 1.67
CA VAL A 282 -25.56 -8.70 1.21
C VAL A 282 -26.27 -8.04 2.38
N ALA A 283 -27.15 -7.12 2.00
CA ALA A 283 -28.02 -6.43 2.96
C ALA A 283 -29.47 -6.72 2.63
N ARG A 284 -30.33 -6.53 3.61
CA ARG A 284 -31.76 -6.83 3.47
C ARG A 284 -32.56 -5.77 4.21
N GLU A 285 -33.54 -5.18 3.55
CA GLU A 285 -34.42 -4.24 4.23
C GLU A 285 -35.34 -5.02 5.15
N LEU A 286 -35.71 -4.41 6.26
CA LEU A 286 -36.57 -5.09 7.23
C LEU A 286 -38.03 -4.72 7.03
N GLY B 2 54.57 -23.76 8.88
CA GLY B 2 55.43 -23.25 7.82
C GLY B 2 56.89 -23.38 8.21
N SER B 3 57.78 -22.68 7.50
CA SER B 3 59.21 -22.80 7.73
C SER B 3 59.61 -22.21 9.05
N SER B 4 60.84 -22.49 9.46
CA SER B 4 61.33 -21.99 10.73
C SER B 4 61.42 -20.48 10.83
N HIS B 5 61.78 -19.82 9.73
CA HIS B 5 62.09 -18.41 9.83
C HIS B 5 61.18 -17.48 9.06
N HIS B 6 60.17 -18.03 8.40
CA HIS B 6 59.16 -17.17 7.81
C HIS B 6 58.15 -16.67 8.86
N HIS B 7 58.01 -15.34 8.94
CA HIS B 7 56.98 -14.71 9.76
C HIS B 7 55.88 -14.25 8.83
N HIS B 8 54.70 -14.81 9.04
CA HIS B 8 53.55 -14.47 8.22
C HIS B 8 53.04 -13.08 8.56
N HIS B 9 52.58 -12.41 7.51
CA HIS B 9 52.28 -10.98 7.57
C HIS B 9 50.85 -10.62 8.04
N HIS B 10 49.82 -11.13 7.36
CA HIS B 10 48.42 -10.86 7.67
C HIS B 10 48.23 -9.34 7.57
N SER B 11 48.38 -8.83 6.34
CA SER B 11 48.50 -7.41 6.06
C SER B 11 47.30 -6.83 5.30
N GLN B 12 46.95 -5.58 5.63
CA GLN B 12 45.96 -4.83 4.85
C GLN B 12 46.58 -4.37 3.53
N ALA B 26 41.90 8.25 -1.02
CA ALA B 26 40.60 7.66 -0.73
C ALA B 26 39.78 8.55 0.20
N LYS B 27 38.58 8.89 -0.24
CA LYS B 27 37.69 9.77 0.51
C LYS B 27 37.07 9.02 1.68
N LYS B 28 37.23 9.56 2.89
CA LYS B 28 36.70 8.92 4.07
C LYS B 28 35.17 8.92 4.10
N PRO B 29 34.55 7.90 4.71
CA PRO B 29 33.10 7.90 4.83
C PRO B 29 32.57 9.20 5.44
N GLY B 30 31.48 9.70 4.88
CA GLY B 30 30.86 10.93 5.34
C GLY B 30 31.37 12.17 4.60
N THR B 31 32.45 12.01 3.83
CA THR B 31 32.99 13.10 3.04
C THR B 31 31.97 13.52 1.99
N VAL B 32 31.75 14.83 1.88
CA VAL B 32 30.87 15.39 0.88
C VAL B 32 31.72 16.04 -0.22
N PHE B 33 31.42 15.74 -1.48
CA PHE B 33 32.16 16.29 -2.60
C PHE B 33 31.28 16.48 -3.82
N LYS B 34 31.72 17.33 -4.73
CA LYS B 34 31.08 17.51 -6.02
C LYS B 34 32.14 17.37 -7.08
N ASP B 35 31.79 16.74 -8.19
CA ASP B 35 32.76 16.55 -9.26
C ASP B 35 32.72 17.73 -10.24
N CYS B 36 31.68 18.55 -10.17
CA CYS B 36 31.59 19.70 -11.04
C CYS B 36 30.56 20.65 -10.46
N LYS B 37 30.51 21.87 -11.02
CA LYS B 37 29.71 22.92 -10.43
C LYS B 37 28.23 22.56 -10.41
N ASP B 38 27.76 21.97 -11.51
CA ASP B 38 26.35 21.64 -11.67
C ASP B 38 26.05 20.21 -11.24
N CYS B 39 27.05 19.52 -10.72
CA CYS B 39 26.92 18.11 -10.35
C CYS B 39 26.32 17.98 -8.95
N PRO B 40 25.61 16.87 -8.70
CA PRO B 40 25.02 16.70 -7.35
C PRO B 40 26.09 16.55 -6.25
N GLU B 41 25.77 17.03 -5.07
CA GLU B 41 26.64 16.81 -3.92
C GLU B 41 26.57 15.35 -3.53
N MET B 42 27.73 14.71 -3.46
CA MET B 42 27.85 13.29 -3.18
C MET B 42 28.39 13.09 -1.79
N VAL B 43 27.96 12.02 -1.12
CA VAL B 43 28.50 11.66 0.17
C VAL B 43 28.99 10.25 0.11
N VAL B 44 30.15 10.02 0.70
CA VAL B 44 30.73 8.68 0.74
C VAL B 44 30.05 7.83 1.82
N LEU B 45 29.50 6.70 1.41
CA LEU B 45 28.96 5.70 2.34
C LEU B 45 30.03 4.64 2.58
N PRO B 46 30.13 4.18 3.83
CA PRO B 46 31.17 3.22 4.19
C PRO B 46 30.91 1.84 3.61
N ALA B 47 31.98 1.08 3.39
CA ALA B 47 31.86 -0.34 3.22
C ALA B 47 31.27 -0.88 4.49
N GLY B 48 30.60 -2.03 4.39
CA GLY B 48 29.96 -2.61 5.55
C GLY B 48 28.75 -3.44 5.17
N SER B 49 28.04 -3.91 6.19
CA SER B 49 26.90 -4.79 5.98
C SER B 49 25.65 -4.23 6.63
N PHE B 50 24.50 -4.67 6.13
CA PHE B 50 23.26 -4.41 6.84
C PHE B 50 22.29 -5.52 6.54
N THR B 51 21.24 -5.60 7.35
CA THR B 51 20.16 -6.54 7.10
C THR B 51 19.03 -5.81 6.39
N MET B 52 18.76 -6.25 5.17
CA MET B 52 17.74 -5.64 4.33
C MET B 52 16.41 -6.34 4.49
N GLY B 53 15.34 -5.55 4.55
CA GLY B 53 14.01 -6.05 4.80
C GLY B 53 13.51 -5.57 6.13
N THR B 54 12.39 -6.13 6.58
CA THR B 54 11.70 -5.62 7.75
CA THR B 54 11.80 -5.65 7.82
C THR B 54 11.29 -6.79 8.65
N PRO B 55 11.51 -6.67 9.96
CA PRO B 55 11.03 -7.71 10.89
C PRO B 55 9.50 -7.89 10.79
N ASP B 56 9.05 -9.14 10.99
CA ASP B 56 7.65 -9.51 10.80
C ASP B 56 6.66 -8.63 11.54
N ASP B 57 7.04 -8.16 12.73
CA ASP B 57 6.10 -7.46 13.60
C ASP B 57 6.23 -5.93 13.55
N GLU B 58 7.05 -5.41 12.63
CA GLU B 58 7.15 -3.95 12.50
C GLU B 58 5.81 -3.38 12.05
N VAL B 59 5.37 -2.34 12.73
CA VAL B 59 4.13 -1.67 12.35
C VAL B 59 4.18 -1.21 10.89
N GLY B 60 3.21 -1.61 10.09
CA GLY B 60 3.15 -1.17 8.71
C GLY B 60 3.81 -2.09 7.70
N ARG B 61 4.52 -3.10 8.17
CA ARG B 61 5.27 -3.94 7.25
C ARG B 61 4.42 -4.59 6.16
N GLN B 62 4.86 -4.52 4.92
CA GLN B 62 4.17 -5.12 3.80
CA GLN B 62 4.13 -5.17 3.86
C GLN B 62 4.82 -6.46 3.50
N PRO B 63 4.09 -7.40 2.89
CA PRO B 63 4.59 -8.76 2.76
C PRO B 63 5.79 -8.95 1.85
N ASP B 64 6.08 -8.00 0.98
CA ASP B 64 7.24 -8.09 0.12
C ASP B 64 8.57 -7.71 0.82
N GLU B 65 8.50 -7.35 2.09
CA GLU B 65 9.70 -6.87 2.80
C GLU B 65 10.50 -7.97 3.48
N GLY B 66 10.40 -9.19 2.96
CA GLY B 66 11.20 -10.29 3.48
C GLY B 66 11.50 -11.30 2.40
N PRO B 67 12.36 -12.26 2.72
CA PRO B 67 13.00 -12.40 4.02
C PRO B 67 14.07 -11.35 4.32
N LEU B 68 14.22 -11.05 5.59
CA LEU B 68 15.40 -10.33 6.09
C LEU B 68 16.62 -11.06 5.56
N HIS B 69 17.59 -10.32 5.06
CA HIS B 69 18.77 -10.94 4.48
C HIS B 69 19.92 -9.98 4.51
N ASP B 70 21.13 -10.54 4.57
CA ASP B 70 22.33 -9.72 4.57
C ASP B 70 22.63 -9.14 3.21
N VAL B 71 23.11 -7.92 3.25
CA VAL B 71 23.75 -7.29 2.10
C VAL B 71 25.07 -6.74 2.61
N THR B 72 26.15 -7.17 1.96
CA THR B 72 27.48 -6.70 2.33
C THR B 72 28.14 -5.95 1.18
N PHE B 73 28.50 -4.71 1.46
CA PHE B 73 29.25 -3.87 0.54
C PHE B 73 30.75 -4.06 0.83
N ALA B 74 31.45 -4.67 -0.11
CA ALA B 74 32.90 -4.87 0.01
C ALA B 74 33.65 -3.55 0.06
N LYS B 75 33.13 -2.55 -0.68
CA LYS B 75 33.81 -1.27 -0.85
C LYS B 75 32.90 -0.09 -0.59
N PRO B 76 33.47 1.01 -0.10
CA PRO B 76 32.70 2.26 0.00
C PRO B 76 32.27 2.74 -1.38
N PHE B 77 31.24 3.58 -1.40
CA PHE B 77 30.71 4.11 -2.63
C PHE B 77 29.96 5.39 -2.28
N ALA B 78 29.73 6.25 -3.26
CA ALA B 78 29.06 7.53 -3.00
C ALA B 78 27.65 7.54 -3.57
N ILE B 79 26.75 8.25 -2.88
CA ILE B 79 25.43 8.56 -3.42
C ILE B 79 25.19 10.04 -3.26
N SER B 80 24.24 10.56 -4.00
CA SER B 80 23.89 11.96 -3.83
C SER B 80 23.21 12.13 -2.47
N ARG B 81 23.68 13.08 -1.68
CA ARG B 81 23.16 13.22 -0.32
C ARG B 81 21.74 13.75 -0.32
N TYR B 82 21.39 14.43 -1.42
CA TYR B 82 20.01 14.83 -1.68
C TYR B 82 19.49 14.06 -2.88
N GLN B 83 18.17 14.05 -3.06
CA GLN B 83 17.62 13.76 -4.36
C GLN B 83 18.21 14.77 -5.36
N VAL B 84 18.42 14.35 -6.61
CA VAL B 84 18.92 15.26 -7.63
C VAL B 84 17.90 16.40 -7.75
N THR B 85 18.38 17.64 -7.79
CA THR B 85 17.48 18.77 -7.72
C THR B 85 16.92 19.19 -9.09
N ALA B 86 15.88 20.00 -9.04
CA ALA B 86 15.30 20.53 -10.27
C ALA B 86 16.32 21.39 -11.01
N GLY B 87 17.15 22.12 -10.28
CA GLY B 87 18.16 22.96 -10.89
C GLY B 87 19.27 22.14 -11.51
N GLU B 88 19.65 21.05 -10.86
CA GLU B 88 20.65 20.15 -11.43
C GLU B 88 20.12 19.48 -12.70
N LEU B 89 18.86 19.08 -12.71
CA LEU B 89 18.27 18.49 -13.89
C LEU B 89 18.18 19.56 -15.00
N ASP B 90 17.79 20.77 -14.66
CA ASP B 90 17.66 21.82 -15.67
C ASP B 90 19.01 22.12 -16.29
N ALA B 91 20.09 22.07 -15.52
CA ALA B 91 21.43 22.34 -16.05
C ALA B 91 21.78 21.33 -17.11
N TYR B 92 21.45 20.07 -16.86
CA TYR B 92 21.59 18.99 -17.83
C TYR B 92 20.73 19.20 -19.07
N LEU B 93 19.48 19.59 -18.87
CA LEU B 93 18.59 19.77 -20.02
C LEU B 93 19.11 20.91 -20.90
N LYS B 94 19.63 21.95 -20.28
CA LYS B 94 20.12 23.10 -21.04
C LYS B 94 21.38 22.72 -21.82
N ALA B 95 22.27 21.95 -21.19
CA ALA B 95 23.53 21.57 -21.81
C ALA B 95 23.34 20.61 -22.98
N THR B 96 22.32 19.78 -22.91
CA THR B 96 22.19 18.66 -23.84
C THR B 96 21.08 18.86 -24.84
N GLY B 97 20.17 19.79 -24.56
CA GLY B 97 18.98 19.97 -25.40
C GLY B 97 18.02 18.81 -25.33
N VAL B 98 18.17 17.97 -24.31
CA VAL B 98 17.29 16.83 -24.15
C VAL B 98 15.87 17.25 -23.85
N LYS B 99 14.91 16.50 -24.40
CA LYS B 99 13.50 16.75 -24.10
C LYS B 99 12.87 15.59 -23.36
N LEU B 100 12.13 15.93 -22.32
CA LEU B 100 11.44 14.94 -21.52
C LEU B 100 9.99 14.84 -21.94
N ALA B 101 9.50 13.62 -22.04
CA ALA B 101 8.14 13.35 -22.43
C ALA B 101 7.14 13.77 -21.37
N ASP B 102 5.94 14.12 -21.79
CA ASP B 102 4.85 14.38 -20.88
C ASP B 102 4.43 13.09 -20.17
N GLY B 103 3.84 13.21 -18.99
CA GLY B 103 3.25 12.06 -18.31
C GLY B 103 2.22 12.40 -17.24
N ASP B 104 1.38 11.42 -16.93
CA ASP B 104 0.37 11.50 -15.85
C ASP B 104 -0.83 12.33 -16.29
N THR B 105 -1.94 11.65 -16.55
CA THR B 105 -3.13 12.30 -17.11
C THR B 105 -4.08 12.82 -16.03
N ARG B 106 -3.77 12.55 -14.76
CA ARG B 106 -4.58 13.09 -13.68
C ARG B 106 -4.58 14.62 -13.74
N PRO B 107 -5.77 15.22 -13.83
CA PRO B 107 -5.88 16.68 -13.85
C PRO B 107 -5.22 17.31 -12.64
N GLY B 108 -4.34 18.29 -12.87
CA GLY B 108 -3.68 18.98 -11.79
C GLY B 108 -2.38 18.34 -11.32
N ARG B 109 -2.04 17.19 -11.91
CA ARG B 109 -0.82 16.45 -11.53
CA ARG B 109 -0.82 16.49 -11.53
C ARG B 109 0.03 16.13 -12.76
N GLU B 110 -0.19 16.86 -13.84
CA GLU B 110 0.54 16.60 -15.06
C GLU B 110 2.04 16.91 -14.95
N CYS B 111 2.83 16.12 -15.67
CA CYS B 111 4.21 16.42 -15.93
C CYS B 111 4.37 16.86 -17.37
N ILE B 112 4.98 18.03 -17.55
CA ILE B 112 5.24 18.56 -18.88
C ILE B 112 6.66 19.05 -18.93
N ALA B 113 7.48 18.44 -19.80
CA ALA B 113 8.88 18.85 -19.96
C ALA B 113 9.67 18.84 -18.66
N GLY B 114 9.34 17.89 -17.78
CA GLY B 114 10.05 17.74 -16.53
C GLY B 114 9.48 18.55 -15.39
N LYS B 115 8.45 19.34 -15.68
CA LYS B 115 7.88 20.26 -14.70
C LYS B 115 6.54 19.80 -14.17
N PRO B 116 6.37 19.80 -12.84
CA PRO B 116 5.10 19.46 -12.21
C PRO B 116 4.17 20.68 -12.20
N ARG B 117 2.96 20.51 -11.68
CA ARG B 117 2.00 21.62 -11.62
C ARG B 117 2.21 22.54 -10.44
N TYR B 118 2.70 21.99 -9.32
CA TYR B 118 2.95 22.80 -8.16
C TYR B 118 4.19 23.65 -8.34
N GLN B 119 4.31 24.73 -7.56
CA GLN B 119 5.48 25.57 -7.63
C GLN B 119 6.73 24.78 -7.26
N GLN B 120 7.74 24.86 -8.11
CA GLN B 120 8.95 24.06 -7.99
C GLN B 120 10.20 24.89 -8.31
N GLY B 121 10.93 25.32 -7.30
CA GLY B 121 12.17 26.04 -7.47
C GLY B 121 13.31 25.08 -7.70
N PRO B 122 14.50 25.62 -7.99
CA PRO B 122 15.66 24.79 -8.37
CA PRO B 122 15.66 24.81 -8.36
C PRO B 122 16.15 23.88 -7.24
N ARG B 123 15.79 24.19 -6.01
CA ARG B 123 16.23 23.37 -4.88
C ARG B 123 15.27 22.24 -4.51
N GLN B 124 14.08 22.23 -5.08
CA GLN B 124 13.19 21.08 -4.86
C GLN B 124 13.71 19.90 -5.68
N PRO B 125 13.30 18.68 -5.34
CA PRO B 125 13.73 17.52 -6.12
C PRO B 125 13.25 17.57 -7.55
N ALA B 126 14.11 17.14 -8.46
CA ALA B 126 13.69 16.87 -9.83
C ALA B 126 12.65 15.77 -9.82
N VAL B 127 11.61 15.94 -10.63
CA VAL B 127 10.54 14.98 -10.78
C VAL B 127 10.18 14.92 -12.26
N CYS B 128 9.14 14.14 -12.57
CA CYS B 128 8.61 14.09 -13.93
C CYS B 128 9.62 13.54 -14.93
N VAL B 129 10.43 12.60 -14.44
CA VAL B 129 11.43 11.84 -15.21
C VAL B 129 11.13 10.37 -15.13
N ASP B 130 11.36 9.64 -16.22
CA ASP B 130 11.19 8.21 -16.17
C ASP B 130 12.55 7.55 -15.96
N TYR B 131 12.54 6.23 -15.92
CA TYR B 131 13.72 5.42 -15.58
C TYR B 131 14.85 5.69 -16.57
N ASN B 132 14.53 5.65 -17.87
CA ASN B 132 15.56 5.89 -18.89
C ASN B 132 16.13 7.30 -18.83
N ASP B 133 15.30 8.28 -18.47
CA ASP B 133 15.78 9.65 -18.30
C ASP B 133 16.87 9.70 -17.25
N VAL B 134 16.69 8.94 -16.15
CA VAL B 134 17.71 8.93 -15.10
C VAL B 134 19.00 8.30 -15.65
N LYS B 135 18.89 7.19 -16.37
CA LYS B 135 20.07 6.59 -16.97
C LYS B 135 20.80 7.58 -17.89
N ASN B 136 20.04 8.37 -18.63
CA ASN B 136 20.64 9.37 -19.52
C ASN B 136 21.36 10.46 -18.75
N TYR B 137 20.73 10.92 -17.67
CA TYR B 137 21.36 11.92 -16.80
C TYR B 137 22.70 11.38 -16.24
N ALA B 138 22.69 10.16 -15.72
CA ALA B 138 23.90 9.57 -15.16
C ALA B 138 24.99 9.38 -16.23
N ALA B 139 24.58 9.04 -17.44
CA ALA B 139 25.54 8.95 -18.55
C ALA B 139 26.17 10.32 -18.88
N TRP B 140 25.38 11.37 -18.81
CA TRP B 140 25.91 12.70 -19.03
C TRP B 140 26.90 13.10 -17.93
N LEU B 141 26.56 12.87 -16.67
CA LEU B 141 27.51 13.12 -15.59
C LEU B 141 28.81 12.36 -15.80
N SER B 142 28.69 11.10 -16.17
CA SER B 142 29.86 10.26 -16.33
C SER B 142 30.77 10.83 -17.43
N LYS B 143 30.18 11.21 -18.54
CA LYS B 143 30.94 11.79 -19.65
C LYS B 143 31.60 13.10 -19.25
N LYS B 144 30.86 13.97 -18.60
CA LYS B 144 31.37 15.26 -18.22
C LYS B 144 32.55 15.17 -17.25
N THR B 145 32.44 14.27 -16.27
CA THR B 145 33.40 14.22 -15.16
C THR B 145 34.49 13.19 -15.32
N GLY B 146 34.27 12.21 -16.18
CA GLY B 146 35.20 11.11 -16.33
C GLY B 146 35.09 10.13 -15.18
N LYS B 147 34.04 10.27 -14.37
CA LYS B 147 33.78 9.34 -13.25
C LYS B 147 32.60 8.42 -13.60
N ARG B 148 32.36 7.39 -12.79
CA ARG B 148 31.35 6.39 -13.13
C ARG B 148 30.09 6.66 -12.31
N TYR B 149 29.17 7.43 -12.87
CA TYR B 149 27.85 7.69 -12.27
C TYR B 149 26.82 6.71 -12.80
N ARG B 150 25.83 6.39 -11.96
CA ARG B 150 24.82 5.40 -12.33
C ARG B 150 23.63 5.54 -11.37
N MET B 151 22.57 4.81 -11.65
CA MET B 151 21.50 4.65 -10.66
C MET B 151 21.98 3.91 -9.42
N LEU B 152 21.32 4.18 -8.30
CA LEU B 152 21.42 3.34 -7.12
C LEU B 152 20.74 2.00 -7.34
N SER B 153 21.26 0.96 -6.69
CA SER B 153 20.48 -0.26 -6.54
C SER B 153 19.53 -0.13 -5.34
N GLU B 154 18.54 -1.00 -5.29
CA GLU B 154 17.58 -0.98 -4.19
C GLU B 154 18.31 -1.19 -2.87
N ALA B 155 19.27 -2.12 -2.86
CA ALA B 155 20.04 -2.39 -1.65
C ALA B 155 20.82 -1.16 -1.21
N GLU B 156 21.45 -0.46 -2.15
CA GLU B 156 22.20 0.74 -1.80
C GLU B 156 21.26 1.77 -1.18
N ARG B 157 20.05 1.86 -1.73
CA ARG B 157 19.09 2.86 -1.28
C ARG B 157 18.66 2.55 0.15
N GLU B 158 18.34 1.30 0.44
CA GLU B 158 17.95 0.98 1.81
C GLU B 158 19.13 1.17 2.77
N TYR B 159 20.33 0.79 2.35
CA TYR B 159 21.53 1.00 3.17
C TYR B 159 21.71 2.47 3.54
N GLY B 160 21.59 3.31 2.53
CA GLY B 160 21.75 4.75 2.73
C GLY B 160 20.64 5.37 3.54
N ALA B 161 19.44 4.82 3.45
CA ALA B 161 18.31 5.31 4.26
C ALA B 161 18.50 4.96 5.73
N ARG B 162 18.91 3.73 5.99
CA ARG B 162 18.97 3.26 7.36
C ARG B 162 20.13 3.86 8.14
N ALA B 163 21.27 4.05 7.48
CA ALA B 163 22.46 4.54 8.19
C ALA B 163 22.72 3.67 9.43
N GLY B 164 22.53 2.37 9.29
CA GLY B 164 22.82 1.40 10.33
C GLY B 164 21.63 1.01 11.20
N SER B 165 20.55 1.77 11.16
CA SER B 165 19.39 1.53 12.00
CA SER B 165 19.42 1.51 12.03
C SER B 165 18.61 0.31 11.55
N ALA B 166 18.06 -0.41 12.49
CA ALA B 166 17.38 -1.66 12.20
C ALA B 166 15.88 -1.56 12.27
N GLY B 167 15.37 -0.48 12.84
CA GLY B 167 13.94 -0.28 12.94
C GLY B 167 13.39 0.53 11.79
N PRO B 168 12.15 0.98 11.91
CA PRO B 168 11.52 1.66 10.77
C PRO B 168 12.16 2.99 10.40
N PHE B 169 12.70 3.70 11.40
CA PHE B 169 13.28 5.02 11.17
C PHE B 169 14.57 5.17 11.94
N PRO B 170 15.51 5.94 11.39
CA PRO B 170 16.75 6.19 12.14
C PRO B 170 16.59 7.32 13.17
N PHE B 171 15.43 8.00 13.18
CA PHE B 171 15.17 9.18 14.02
C PHE B 171 13.96 8.90 14.90
N PRO B 172 13.79 9.71 15.97
CA PRO B 172 12.64 9.56 16.86
C PRO B 172 11.35 10.02 16.23
N PHE B 173 10.23 9.47 16.68
CA PHE B 173 8.92 10.00 16.36
C PHE B 173 8.79 11.41 16.94
N ASP B 174 7.96 12.24 16.33
CA ASP B 174 7.62 13.56 16.85
C ASP B 174 7.00 13.44 18.23
N GLU B 175 7.33 14.38 19.11
CA GLU B 175 6.70 14.44 20.42
C GLU B 175 5.23 14.71 20.25
N GLY B 176 4.41 14.08 21.09
CA GLY B 176 3.05 14.50 21.24
C GLY B 176 2.04 13.87 20.30
N LYS B 177 2.47 12.95 19.45
CA LYS B 177 1.55 12.20 18.57
C LYS B 177 2.00 10.77 18.54
N GLU B 178 1.11 9.86 18.17
CA GLU B 178 1.45 8.45 18.20
C GLU B 178 2.50 8.09 17.14
N TYR B 179 2.32 8.58 15.91
CA TYR B 179 3.16 8.14 14.78
C TYR B 179 3.26 9.26 13.77
N SER B 180 4.12 10.22 14.07
CA SER B 180 4.32 11.38 13.23
C SER B 180 5.82 11.59 13.09
N ILE B 181 6.24 11.94 11.88
CA ILE B 181 7.66 12.11 11.57
C ILE B 181 7.90 13.48 10.91
N ALA B 182 7.00 14.42 11.16
CA ALA B 182 7.05 15.74 10.53
C ALA B 182 8.28 16.57 10.87
N LYS B 183 8.97 16.25 11.96
CA LYS B 183 10.24 16.91 12.27
C LYS B 183 11.39 16.35 11.43
N HIS B 184 11.17 15.21 10.75
CA HIS B 184 12.23 14.56 10.01
C HIS B 184 11.97 14.26 8.55
N ALA B 185 10.74 14.39 8.08
CA ALA B 185 10.44 14.02 6.70
C ALA B 185 9.18 14.72 6.18
N ASN B 186 9.14 14.94 4.88
CA ASN B 186 8.02 15.54 4.22
C ASN B 186 7.08 14.48 3.66
N THR B 187 5.93 14.34 4.28
CA THR B 187 4.92 13.39 3.86
C THR B 187 3.59 14.11 3.72
N TYR B 188 2.48 13.39 3.58
CA TYR B 188 1.17 13.98 3.35
C TYR B 188 0.86 15.13 4.31
N GLY B 189 0.37 16.21 3.74
CA GLY B 189 -0.15 17.33 4.52
C GLY B 189 0.94 18.25 5.04
N ALA B 190 0.51 19.31 5.71
CA ALA B 190 1.38 20.42 6.02
C ALA B 190 1.93 20.44 7.42
N SER B 191 1.75 19.36 8.18
CA SER B 191 2.30 19.35 9.52
C SER B 191 3.82 19.47 9.52
N ASP B 192 4.46 19.07 8.41
CA ASP B 192 5.90 19.16 8.23
C ASP B 192 6.32 20.48 7.57
N GLY B 193 5.35 21.38 7.35
CA GLY B 193 5.62 22.69 6.78
C GLY B 193 5.37 22.84 5.30
N TYR B 194 5.17 21.73 4.58
CA TYR B 194 5.15 21.74 3.13
C TYR B 194 3.97 20.99 2.55
N ASN B 195 3.26 21.62 1.65
CA ASN B 195 2.17 21.01 0.93
C ASN B 195 2.64 20.07 -0.17
N PHE B 196 3.60 20.50 -0.97
CA PHE B 196 4.15 19.63 -2.03
C PHE B 196 5.59 19.29 -1.65
N THR B 197 6.51 19.17 -2.60
CA THR B 197 7.87 18.86 -2.21
C THR B 197 8.50 20.06 -1.49
N SER B 198 9.55 19.78 -0.73
CA SER B 198 10.32 20.73 0.04
C SER B 198 11.72 20.86 -0.58
N PRO B 199 12.36 22.02 -0.40
CA PRO B 199 13.77 22.13 -0.81
C PRO B 199 14.54 20.95 -0.25
N VAL B 200 15.47 20.40 -1.03
CA VAL B 200 16.26 19.31 -0.50
C VAL B 200 16.98 19.71 0.76
N GLY B 201 16.97 18.83 1.74
CA GLY B 201 17.70 19.09 2.95
C GLY B 201 17.00 19.98 3.95
N SER B 202 15.67 20.02 3.89
CA SER B 202 14.86 20.83 4.82
C SER B 202 14.73 20.17 6.19
N PHE B 203 15.16 18.93 6.33
CA PHE B 203 15.06 18.20 7.59
C PHE B 203 16.43 17.69 7.93
N PRO B 204 16.63 17.20 9.15
CA PRO B 204 17.97 16.77 9.54
C PRO B 204 18.46 15.57 8.70
N PRO B 205 19.78 15.44 8.55
CA PRO B 205 20.34 14.27 7.87
C PRO B 205 20.34 13.09 8.80
N ASN B 206 20.56 11.90 8.24
CA ASN B 206 20.78 10.71 9.04
C ASN B 206 22.26 10.57 9.33
N ALA B 207 22.64 9.48 10.00
CA ALA B 207 23.99 9.34 10.54
C ALA B 207 25.01 9.16 9.45
N PHE B 208 24.57 8.84 8.22
CA PHE B 208 25.47 8.71 7.07
C PHE B 208 25.61 10.06 6.34
N GLY B 209 24.92 11.08 6.81
CA GLY B 209 24.98 12.38 6.15
C GLY B 209 24.03 12.50 4.97
N VAL B 210 23.02 11.64 4.93
CA VAL B 210 22.08 11.61 3.81
C VAL B 210 20.77 12.28 4.22
N TYR B 211 20.16 13.02 3.30
CA TYR B 211 18.93 13.77 3.55
C TYR B 211 17.77 13.22 2.75
N ASP B 212 16.57 13.39 3.28
CA ASP B 212 15.30 13.08 2.59
C ASP B 212 15.11 11.61 2.21
N MET B 213 15.74 10.68 2.92
CA MET B 213 15.52 9.28 2.63
C MET B 213 14.15 8.80 3.07
N HIS B 214 13.43 9.59 3.86
CA HIS B 214 12.14 9.14 4.41
C HIS B 214 10.97 9.98 3.99
N GLY B 215 11.16 10.84 2.97
CA GLY B 215 10.05 11.58 2.44
C GLY B 215 10.43 12.37 1.20
N ASN B 216 9.61 13.35 0.89
CA ASN B 216 9.76 14.28 -0.21
C ASN B 216 9.30 13.66 -1.53
N VAL B 217 10.10 12.74 -2.11
CA VAL B 217 9.68 12.03 -3.31
C VAL B 217 10.12 10.57 -3.23
N TYR B 218 9.39 9.70 -3.90
CA TYR B 218 9.92 8.40 -4.25
C TYR B 218 11.10 8.58 -5.19
N GLU B 219 11.88 7.51 -5.36
CA GLU B 219 13.10 7.56 -6.17
C GLU B 219 13.21 6.32 -7.01
N TRP B 220 13.56 6.51 -8.26
CA TRP B 220 13.97 5.36 -9.08
C TRP B 220 15.22 4.71 -8.52
N VAL B 221 15.22 3.38 -8.60
CA VAL B 221 16.45 2.58 -8.44
C VAL B 221 16.50 1.61 -9.61
N ALA B 222 17.66 0.96 -9.82
CA ALA B 222 17.84 0.18 -11.05
C ALA B 222 17.03 -1.09 -11.11
N ASP B 223 16.77 -1.72 -9.96
CA ASP B 223 16.32 -3.12 -9.91
C ASP B 223 15.00 -3.37 -10.58
N CYS B 224 14.86 -4.53 -11.21
CA CYS B 224 13.56 -4.97 -11.64
C CYS B 224 12.73 -5.44 -10.46
N TRP B 225 11.42 -5.46 -10.62
CA TRP B 225 10.53 -5.76 -9.51
C TRP B 225 10.51 -7.24 -9.13
N HIS B 226 10.49 -7.50 -7.82
CA HIS B 226 10.16 -8.81 -7.23
C HIS B 226 9.34 -8.54 -5.98
N ASP B 227 8.30 -9.35 -5.68
CA ASP B 227 7.49 -9.07 -4.47
C ASP B 227 7.93 -9.92 -3.28
N HIS B 228 9.25 -10.07 -3.17
CA HIS B 228 9.90 -10.81 -2.09
C HIS B 228 11.41 -10.59 -2.25
N TYR B 229 12.19 -11.19 -1.35
CA TYR B 229 13.65 -11.19 -1.42
C TYR B 229 14.26 -12.59 -1.57
N ASN B 230 13.49 -13.57 -1.97
CA ASN B 230 14.03 -14.91 -2.20
C ASN B 230 14.91 -14.90 -3.42
N GLY B 231 16.20 -15.18 -3.20
CA GLY B 231 17.19 -15.16 -4.27
C GLY B 231 17.77 -13.77 -4.52
N ALA B 232 17.49 -12.82 -3.63
CA ALA B 232 17.99 -11.45 -3.79
C ALA B 232 19.49 -11.42 -3.74
N PRO B 233 20.11 -10.53 -4.51
CA PRO B 233 21.56 -10.44 -4.45
C PRO B 233 22.03 -9.87 -3.12
N SER B 234 23.19 -10.30 -2.65
CA SER B 234 23.68 -9.96 -1.33
C SER B 234 24.92 -9.10 -1.31
N ASP B 235 25.32 -8.58 -2.48
CA ASP B 235 26.57 -7.83 -2.59
C ASP B 235 26.39 -6.34 -2.92
N GLY B 236 25.16 -5.86 -2.90
CA GLY B 236 24.86 -4.46 -3.21
C GLY B 236 24.50 -4.25 -4.66
N SER B 237 24.63 -5.26 -5.51
CA SER B 237 24.23 -5.14 -6.90
C SER B 237 22.70 -5.04 -7.02
N ALA B 238 22.27 -4.55 -8.19
CA ALA B 238 20.87 -4.48 -8.57
C ALA B 238 20.36 -5.83 -9.04
N TRP B 239 19.13 -6.16 -8.66
CA TRP B 239 18.50 -7.43 -8.97
C TRP B 239 17.73 -7.26 -10.26
N MET B 240 18.37 -7.67 -11.35
CA MET B 240 17.82 -7.48 -12.69
C MET B 240 17.19 -8.75 -13.24
N GLU B 241 16.28 -8.58 -14.19
CA GLU B 241 15.78 -9.67 -15.02
C GLU B 241 15.92 -9.19 -16.47
N GLU B 242 15.85 -10.11 -17.41
CA GLU B 242 16.06 -9.78 -18.81
C GLU B 242 14.93 -8.90 -19.31
N LYS B 243 13.70 -9.27 -18.97
CA LYS B 243 12.55 -8.47 -19.33
C LYS B 243 11.81 -8.06 -18.06
N CYS B 244 11.61 -6.76 -17.91
CA CYS B 244 10.99 -6.21 -16.72
C CYS B 244 9.89 -5.23 -17.07
N GLU B 245 8.67 -5.60 -16.75
CA GLU B 245 7.54 -4.71 -16.96
C GLU B 245 7.50 -3.66 -15.87
N LEU B 246 8.08 -4.00 -14.71
CA LEU B 246 8.06 -3.14 -13.53
C LEU B 246 9.46 -3.06 -12.94
N VAL B 247 9.80 -1.91 -12.38
CA VAL B 247 11.06 -1.72 -11.68
C VAL B 247 10.74 -1.18 -10.29
N GLN B 248 11.73 -1.27 -9.41
CA GLN B 248 11.54 -0.77 -8.06
C GLN B 248 11.69 0.75 -7.95
N ILE B 249 10.92 1.31 -7.02
CA ILE B 249 11.12 2.68 -6.57
C ILE B 249 11.15 2.66 -5.04
N ARG B 250 11.83 3.64 -4.44
CA ARG B 250 12.06 3.63 -3.01
C ARG B 250 11.77 4.99 -2.39
N GLY B 251 11.59 4.98 -1.09
CA GLY B 251 11.31 6.17 -0.31
C GLY B 251 9.83 6.38 -0.19
N ASN B 252 9.42 7.64 -0.09
CA ASN B 252 8.03 7.99 0.07
C ASN B 252 7.87 9.46 -0.32
N ASP B 253 6.67 9.84 -0.76
CA ASP B 253 6.45 11.17 -1.28
C ASP B 253 5.55 12.03 -0.43
N TRP B 254 5.58 13.31 -0.78
CA TRP B 254 4.83 14.40 -0.16
C TRP B 254 3.34 14.14 -0.10
N GLY B 255 2.83 13.25 -0.92
CA GLY B 255 1.39 12.99 -0.91
C GLY B 255 0.96 11.76 -0.14
N GLU B 256 1.88 11.12 0.59
CA GLU B 256 1.62 9.81 1.17
C GLU B 256 1.74 9.80 2.66
N PRO B 257 1.05 8.89 3.33
CA PRO B 257 1.15 8.80 4.77
C PRO B 257 2.49 8.24 5.24
N PRO B 258 2.91 8.56 6.48
CA PRO B 258 4.26 8.22 6.93
C PRO B 258 4.46 6.74 7.20
N ILE B 259 3.40 5.94 7.23
CA ILE B 259 3.55 4.49 7.35
C ILE B 259 4.37 3.94 6.18
N PHE B 260 4.42 4.63 5.05
CA PHE B 260 5.22 4.20 3.89
C PHE B 260 6.62 4.82 3.87
N SER B 261 6.98 5.59 4.89
CA SER B 261 8.29 6.20 4.97
C SER B 261 9.32 5.31 5.64
N ARG B 262 8.89 4.16 6.15
CA ARG B 262 9.79 3.26 6.85
C ARG B 262 10.93 2.87 5.93
N SER B 263 12.12 2.65 6.48
CA SER B 263 13.30 2.39 5.65
C SER B 263 13.16 1.18 4.74
N GLY B 264 12.36 0.19 5.13
CA GLY B 264 12.20 -1.04 4.37
C GLY B 264 11.04 -1.04 3.41
N ASN B 265 10.23 0.02 3.36
CA ASN B 265 9.09 0.07 2.44
C ASN B 265 9.54 -0.08 0.99
N ARG B 266 8.81 -0.87 0.21
CA ARG B 266 9.12 -1.10 -1.20
C ARG B 266 7.92 -0.66 -2.06
N ASN B 267 8.17 -0.31 -3.30
CA ASN B 267 7.11 -0.05 -4.24
C ASN B 267 7.68 -0.24 -5.64
N ASN B 268 6.86 -0.07 -6.65
CA ASN B 268 7.29 -0.31 -8.03
C ASN B 268 6.54 0.60 -8.97
N ALA B 269 7.04 0.69 -10.18
CA ALA B 269 6.42 1.47 -11.26
C ALA B 269 6.90 0.91 -12.58
N ALA B 270 6.13 1.14 -13.63
CA ALA B 270 6.60 0.81 -14.95
C ALA B 270 7.72 1.80 -15.29
N PRO B 271 8.79 1.32 -15.93
CA PRO B 271 9.91 2.24 -16.12
C PRO B 271 9.59 3.42 -17.04
N SER B 272 8.53 3.31 -17.81
CA SER B 272 8.12 4.42 -18.68
C SER B 272 7.20 5.39 -17.93
N ASP B 273 6.82 5.07 -16.70
CA ASP B 273 6.00 5.97 -15.89
C ASP B 273 6.84 7.16 -15.47
N ARG B 274 6.15 8.23 -15.06
CA ARG B 274 6.77 9.36 -14.43
C ARG B 274 5.72 10.04 -13.57
N GLY B 275 6.14 10.91 -12.67
CA GLY B 275 5.17 11.63 -11.87
C GLY B 275 5.80 12.74 -11.07
N ASP B 276 4.94 13.62 -10.57
CA ASP B 276 5.39 14.75 -9.77
C ASP B 276 5.79 14.32 -8.35
N TRP B 277 5.81 12.99 -8.15
CA TRP B 277 6.12 12.37 -6.86
C TRP B 277 7.28 11.39 -6.97
N ILE B 278 7.88 11.24 -8.16
CA ILE B 278 9.07 10.37 -8.32
C ILE B 278 10.25 11.15 -8.83
N GLY B 279 11.33 11.17 -8.06
CA GLY B 279 12.61 11.73 -8.45
C GLY B 279 13.67 10.65 -8.42
N PHE B 280 14.89 11.00 -8.03
CA PHE B 280 15.99 10.04 -8.07
C PHE B 280 17.23 10.57 -7.41
N ARG B 281 18.10 9.62 -7.00
CA ARG B 281 19.49 9.90 -6.68
C ARG B 281 20.38 9.28 -7.73
N VAL B 282 21.65 9.66 -7.70
CA VAL B 282 22.69 8.97 -8.44
C VAL B 282 23.75 8.49 -7.49
N ALA B 283 24.48 7.48 -7.96
CA ALA B 283 25.62 6.91 -7.25
C ALA B 283 26.87 7.06 -8.10
N ARG B 284 28.01 7.05 -7.42
CA ARG B 284 29.30 7.23 -8.07
C ARG B 284 30.28 6.25 -7.46
N GLU B 285 30.97 5.53 -8.33
CA GLU B 285 31.95 4.56 -7.87
C GLU B 285 33.20 5.33 -7.44
N LEU B 286 33.91 4.83 -6.44
CA LEU B 286 35.10 5.51 -5.94
C LEU B 286 36.34 4.89 -6.58
CA CA C . -3.67 -15.46 7.66
CA CA D . 4.12 17.62 3.71
#